data_4X0M
#
_entry.id   4X0M
#
_cell.length_a   41.990
_cell.length_b   76.880
_cell.length_c   89.590
_cell.angle_alpha   90.000
_cell.angle_beta   90.000
_cell.angle_gamma   90.000
#
_symmetry.space_group_name_H-M   'P 21 21 21'
#
loop_
_entity.id
_entity.type
_entity.pdbx_description
1 polymer 'TGF-beta receptor type-1'
2 non-polymer 4-aminopyrido[2,3-d]pyrimidin-5(8H)-one
3 non-polymer 'SULFATE ION'
4 water water
#
_entity_poly.entity_id   1
_entity_poly.type   'polypeptide(L)'
_entity_poly.pdbx_seq_one_letter_code
;GTIARTIVLQESIGKGRFGEVWRGKWRGEEVAVKIFSSREERSWFREAEIYQTVMLRHENILGFIAADNKDNGTWTQLWL
VSDYHEHGSLFDYLNRYTVTVEGMIKLALSTASGLAHLHMEIVGTQGKPAIAHRDLKSKNILVKKNGTCCIADLGLAVRH
DSATDTIDIAPNHRVGTKRYMAPEVLDDSINMKHFESFKRADIYAMGLVFWEIARRCSIGGIHEDYQLPYYDLVPSDPSV
EEMRKVVCEQKLRPNIPNRWQSCEALRVMAKIMRECWYANGAARLTALRIKKTLSQLSQQEGIKM
;
_entity_poly.pdbx_strand_id   A
#
# COMPACT_ATOMS: atom_id res chain seq x y z
N GLY A 1 8.18 -3.75 -28.24
CA GLY A 1 9.47 -3.54 -27.60
C GLY A 1 10.30 -4.79 -27.39
N THR A 2 11.60 -4.58 -27.18
CA THR A 2 12.59 -5.64 -27.00
C THR A 2 12.35 -6.51 -25.78
N ILE A 3 11.75 -5.93 -24.71
CA ILE A 3 11.45 -6.61 -23.46
C ILE A 3 10.15 -7.41 -23.64
N ALA A 4 9.03 -6.75 -24.01
CA ALA A 4 7.73 -7.41 -24.20
C ALA A 4 7.78 -8.58 -25.22
N ARG A 5 8.58 -8.47 -26.32
CA ARG A 5 8.71 -9.54 -27.32
C ARG A 5 9.36 -10.82 -26.76
N THR A 6 10.08 -10.71 -25.63
CA THR A 6 10.79 -11.85 -24.99
C THR A 6 10.08 -12.35 -23.72
N ILE A 7 8.88 -11.84 -23.44
CA ILE A 7 8.14 -12.25 -22.26
C ILE A 7 6.97 -13.09 -22.75
N VAL A 8 6.77 -14.23 -22.07
CA VAL A 8 5.69 -15.18 -22.35
C VAL A 8 4.73 -15.08 -21.17
N LEU A 9 3.45 -14.84 -21.46
CA LEU A 9 2.44 -14.71 -20.41
C LEU A 9 1.95 -16.14 -20.10
N GLN A 10 1.92 -16.50 -18.81
CA GLN A 10 1.60 -17.84 -18.36
C GLN A 10 0.26 -17.92 -17.66
N GLU A 11 -0.10 -16.88 -16.90
CA GLU A 11 -1.34 -16.91 -16.13
C GLU A 11 -1.85 -15.52 -15.78
N SER A 12 -3.13 -15.26 -16.05
CA SER A 12 -3.75 -13.99 -15.64
C SER A 12 -3.99 -14.15 -14.13
N ILE A 13 -3.34 -13.31 -13.31
CA ILE A 13 -3.44 -13.43 -11.86
C ILE A 13 -4.38 -12.37 -11.21
N GLY A 14 -4.89 -11.40 -11.98
CA GLY A 14 -5.77 -10.40 -11.39
C GLY A 14 -6.39 -9.45 -12.38
N LYS A 15 -7.65 -9.06 -12.14
CA LYS A 15 -8.37 -8.14 -13.00
C LYS A 15 -8.88 -6.98 -12.16
N GLY A 16 -8.14 -5.87 -12.20
CA GLY A 16 -8.46 -4.68 -11.44
C GLY A 16 -9.18 -3.60 -12.23
N ARG A 17 -9.37 -2.43 -11.60
CA ARG A 17 -10.05 -1.28 -12.21
C ARG A 17 -9.17 -0.65 -13.29
N PHE A 18 -7.84 -0.76 -13.15
CA PHE A 18 -6.93 -0.25 -14.15
C PHE A 18 -5.88 -1.29 -14.50
N GLY A 19 -6.19 -2.05 -15.54
CA GLY A 19 -5.26 -3.05 -16.04
C GLY A 19 -5.32 -4.41 -15.37
N GLU A 20 -4.91 -5.45 -16.13
CA GLU A 20 -4.91 -6.82 -15.65
C GLU A 20 -3.49 -7.35 -15.44
N VAL A 21 -3.27 -8.02 -14.31
CA VAL A 21 -1.95 -8.53 -13.95
C VAL A 21 -1.79 -9.99 -14.38
N TRP A 22 -0.65 -10.26 -14.99
CA TRP A 22 -0.28 -11.56 -15.49
C TRP A 22 1.01 -12.00 -14.88
N ARG A 23 1.19 -13.32 -14.77
CA ARG A 23 2.44 -13.94 -14.32
C ARG A 23 3.09 -14.28 -15.66
N GLY A 24 4.30 -13.78 -15.87
CA GLY A 24 5.04 -14.02 -17.10
C GLY A 24 6.44 -14.52 -16.84
N LYS A 25 7.09 -15.08 -17.88
CA LYS A 25 8.45 -15.56 -17.78
C LYS A 25 9.33 -14.62 -18.64
N TRP A 26 10.36 -14.02 -18.02
CA TRP A 26 11.31 -13.15 -18.70
C TRP A 26 12.68 -13.66 -18.45
N ARG A 27 13.37 -14.01 -19.55
CA ARG A 27 14.74 -14.54 -19.52
C ARG A 27 14.83 -15.65 -18.47
N GLY A 28 13.82 -16.53 -18.47
CA GLY A 28 13.70 -17.68 -17.58
C GLY A 28 13.26 -17.37 -16.17
N GLU A 29 12.97 -16.09 -15.86
CA GLU A 29 12.52 -15.69 -14.51
C GLU A 29 11.05 -15.30 -14.44
N GLU A 30 10.45 -15.42 -13.26
CA GLU A 30 9.06 -14.98 -13.11
C GLU A 30 9.01 -13.46 -12.96
N VAL A 31 8.06 -12.86 -13.65
CA VAL A 31 7.82 -11.42 -13.69
C VAL A 31 6.33 -11.19 -13.63
N ALA A 32 5.91 -10.05 -13.08
CA ALA A 32 4.50 -9.72 -13.14
C ALA A 32 4.36 -8.70 -14.27
N VAL A 33 3.31 -8.85 -15.09
CA VAL A 33 3.11 -7.90 -16.17
C VAL A 33 1.73 -7.30 -15.96
N LYS A 34 1.67 -5.97 -15.75
CA LYS A 34 0.35 -5.30 -15.66
C LYS A 34 0.04 -4.81 -17.09
N ILE A 35 -1.06 -5.34 -17.67
CA ILE A 35 -1.47 -5.03 -19.05
C ILE A 35 -2.68 -4.12 -19.08
N PHE A 36 -2.60 -3.08 -19.90
CA PHE A 36 -3.64 -2.10 -20.10
C PHE A 36 -3.99 -2.09 -21.57
N SER A 37 -5.24 -1.74 -21.91
CA SER A 37 -5.66 -1.59 -23.30
C SER A 37 -5.28 -0.16 -23.76
N SER A 38 -5.41 0.13 -25.05
CA SER A 38 -5.10 1.38 -25.73
C SER A 38 -5.80 2.59 -25.08
N ARG A 39 -7.06 2.40 -24.68
CA ARG A 39 -7.89 3.41 -24.04
C ARG A 39 -7.53 3.67 -22.58
N GLU A 40 -6.56 2.90 -21.99
CA GLU A 40 -6.13 3.07 -20.60
C GLU A 40 -4.71 3.70 -20.54
N GLU A 41 -4.26 4.28 -21.64
CA GLU A 41 -2.91 4.85 -21.78
C GLU A 41 -2.57 5.81 -20.68
N ARG A 42 -3.53 6.73 -20.29
CA ARG A 42 -3.25 7.70 -19.20
C ARG A 42 -2.91 7.01 -17.88
N SER A 43 -3.64 5.91 -17.55
CA SER A 43 -3.41 5.12 -16.35
C SER A 43 -2.07 4.43 -16.45
N TRP A 44 -1.79 3.86 -17.62
CA TRP A 44 -0.53 3.16 -17.85
C TRP A 44 0.67 4.10 -17.71
N PHE A 45 0.63 5.24 -18.42
CA PHE A 45 1.69 6.22 -18.46
C PHE A 45 1.96 6.77 -17.06
N ARG A 46 0.90 7.13 -16.32
CA ARG A 46 1.10 7.64 -14.96
C ARG A 46 1.81 6.61 -14.06
N GLU A 47 1.39 5.34 -14.12
CA GLU A 47 1.99 4.33 -13.28
C GLU A 47 3.47 4.14 -13.73
N ALA A 48 3.76 4.16 -15.04
CA ALA A 48 5.16 4.12 -15.52
C ALA A 48 5.98 5.30 -14.95
N GLU A 49 5.38 6.51 -15.00
CA GLU A 49 5.94 7.77 -14.50
C GLU A 49 6.28 7.66 -13.04
N ILE A 50 5.35 7.21 -12.20
CA ILE A 50 5.62 7.00 -10.79
C ILE A 50 6.74 5.99 -10.59
N TYR A 51 6.60 4.78 -11.22
CA TYR A 51 7.60 3.71 -11.02
C TYR A 51 9.00 4.08 -11.50
N GLN A 52 9.10 5.09 -12.39
CA GLN A 52 10.41 5.57 -12.87
C GLN A 52 10.97 6.82 -12.08
N THR A 53 10.34 7.15 -10.93
CA THR A 53 10.77 8.22 -10.08
C THR A 53 12.19 7.93 -9.65
N VAL A 54 13.07 8.90 -9.80
CA VAL A 54 14.47 8.87 -9.41
C VAL A 54 14.60 8.39 -7.96
N MET A 55 15.54 7.49 -7.71
CA MET A 55 15.85 6.92 -6.40
C MET A 55 14.65 6.25 -5.67
N LEU A 56 13.63 5.79 -6.43
CA LEU A 56 12.46 5.08 -5.87
C LEU A 56 12.73 3.66 -5.36
N ARG A 57 13.58 2.87 -6.08
CA ARG A 57 13.88 1.47 -5.73
C ARG A 57 14.23 1.35 -4.29
N HIS A 58 13.56 0.43 -3.63
CA HIS A 58 13.74 0.20 -2.20
C HIS A 58 13.26 -1.20 -1.99
N GLU A 59 13.83 -1.89 -1.03
CA GLU A 59 13.48 -3.29 -0.79
C GLU A 59 12.00 -3.47 -0.43
N ASN A 60 11.32 -2.40 0.01
CA ASN A 60 9.91 -2.51 0.37
C ASN A 60 9.00 -1.70 -0.57
N ILE A 61 9.45 -1.55 -1.81
CA ILE A 61 8.71 -0.91 -2.89
C ILE A 61 8.78 -1.91 -4.05
N LEU A 62 7.65 -2.24 -4.65
CA LEU A 62 7.71 -3.19 -5.76
C LEU A 62 8.79 -2.77 -6.79
N GLY A 63 9.69 -3.71 -7.14
CA GLY A 63 10.76 -3.51 -8.12
C GLY A 63 10.20 -3.42 -9.54
N PHE A 64 10.31 -2.25 -10.14
CA PHE A 64 9.80 -2.00 -11.48
C PHE A 64 10.83 -2.40 -12.47
N ILE A 65 10.44 -3.09 -13.56
CA ILE A 65 11.41 -3.47 -14.57
C ILE A 65 11.32 -2.54 -15.78
N ALA A 66 10.16 -2.54 -16.48
CA ALA A 66 10.05 -1.71 -17.67
C ALA A 66 8.66 -1.43 -18.07
N ALA A 67 8.46 -0.31 -18.78
CA ALA A 67 7.24 -0.04 -19.51
C ALA A 67 7.54 -0.61 -20.91
N ASP A 68 6.52 -1.12 -21.57
CA ASP A 68 6.65 -1.64 -22.93
C ASP A 68 5.28 -1.72 -23.57
N ASN A 69 5.23 -1.91 -24.87
CA ASN A 69 3.99 -2.14 -25.56
C ASN A 69 4.17 -3.35 -26.43
N LYS A 70 3.07 -4.10 -26.66
CA LYS A 70 3.12 -5.33 -27.46
C LYS A 70 1.99 -5.37 -28.44
N ASP A 71 2.32 -5.45 -29.72
CA ASP A 71 1.31 -5.53 -30.77
C ASP A 71 1.11 -7.02 -31.09
N ASN A 72 -0.08 -7.55 -30.85
CA ASN A 72 -0.29 -8.96 -31.12
C ASN A 72 -0.69 -9.27 -32.56
N GLY A 73 -0.84 -8.20 -33.33
CA GLY A 73 -1.23 -8.23 -34.72
C GLY A 73 -2.63 -7.72 -34.93
N THR A 74 -3.43 -7.62 -33.86
CA THR A 74 -4.79 -7.09 -33.94
C THR A 74 -4.90 -5.81 -33.07
N TRP A 75 -4.34 -5.86 -31.88
CA TRP A 75 -4.38 -4.73 -30.97
C TRP A 75 -3.10 -4.56 -30.16
N THR A 76 -2.87 -3.31 -29.70
CA THR A 76 -1.70 -3.01 -28.88
C THR A 76 -2.08 -3.16 -27.42
N GLN A 77 -1.18 -3.76 -26.64
CA GLN A 77 -1.34 -3.93 -25.19
C GLN A 77 -0.24 -3.04 -24.59
N LEU A 78 -0.55 -2.33 -23.50
CA LEU A 78 0.41 -1.48 -22.80
C LEU A 78 0.86 -2.22 -21.58
N TRP A 79 2.15 -2.51 -21.53
CA TRP A 79 2.71 -3.30 -20.46
C TRP A 79 3.49 -2.50 -19.43
N LEU A 80 3.40 -2.95 -18.16
CA LEU A 80 4.25 -2.52 -17.07
C LEU A 80 4.80 -3.81 -16.47
N VAL A 81 6.10 -4.03 -16.57
CA VAL A 81 6.74 -5.26 -16.08
C VAL A 81 7.42 -4.99 -14.75
N SER A 82 7.18 -5.87 -13.80
CA SER A 82 7.76 -5.70 -12.47
C SER A 82 8.13 -7.05 -11.90
N ASP A 83 8.70 -7.03 -10.70
CA ASP A 83 9.04 -8.22 -9.95
C ASP A 83 7.79 -9.01 -9.65
N TYR A 84 7.96 -10.34 -9.59
CA TYR A 84 6.89 -11.27 -9.26
C TYR A 84 7.07 -11.83 -7.84
N HIS A 85 6.02 -11.67 -7.04
CA HIS A 85 5.96 -12.17 -5.66
C HIS A 85 4.88 -13.24 -5.50
N GLU A 86 5.32 -14.49 -5.47
CA GLU A 86 4.48 -15.68 -5.45
C GLU A 86 3.38 -15.65 -4.39
N HIS A 87 3.66 -15.08 -3.20
CA HIS A 87 2.65 -14.96 -2.13
C HIS A 87 1.51 -14.06 -2.55
N GLY A 88 1.82 -13.14 -3.46
CA GLY A 88 0.88 -12.14 -3.93
C GLY A 88 0.62 -11.15 -2.81
N SER A 89 -0.62 -10.64 -2.76
CA SER A 89 -1.02 -9.63 -1.80
C SER A 89 -0.98 -10.07 -0.34
N LEU A 90 -0.78 -9.07 0.52
CA LEU A 90 -0.80 -9.20 1.97
C LEU A 90 -2.23 -9.70 2.32
N PHE A 91 -3.21 -9.21 1.55
CA PHE A 91 -4.61 -9.59 1.67
C PHE A 91 -4.72 -11.12 1.50
N ASP A 92 -4.25 -11.65 0.36
CA ASP A 92 -4.27 -13.08 0.14
C ASP A 92 -3.49 -13.83 1.21
N TYR A 93 -2.25 -13.35 1.54
CA TYR A 93 -1.36 -13.93 2.54
C TYR A 93 -2.01 -14.02 3.93
N LEU A 94 -2.75 -12.99 4.33
CA LEU A 94 -3.42 -12.97 5.62
C LEU A 94 -4.68 -13.83 5.63
N ASN A 95 -5.37 -13.94 4.49
CA ASN A 95 -6.52 -14.80 4.33
C ASN A 95 -6.07 -16.27 4.46
N ARG A 96 -4.97 -16.61 3.79
CA ARG A 96 -4.43 -17.96 3.76
C ARG A 96 -3.73 -18.41 5.04
N TYR A 97 -2.96 -17.50 5.67
CA TYR A 97 -2.12 -17.83 6.81
C TYR A 97 -2.33 -16.99 8.05
N THR A 98 -1.83 -17.50 9.18
CA THR A 98 -1.69 -16.79 10.44
C THR A 98 -0.20 -16.51 10.46
N VAL A 99 0.22 -15.52 11.23
CA VAL A 99 1.64 -15.17 11.35
C VAL A 99 2.07 -15.38 12.78
N THR A 100 3.38 -15.42 13.02
CA THR A 100 3.92 -15.47 14.37
C THR A 100 4.10 -14.00 14.77
N VAL A 101 4.58 -13.71 16.00
CA VAL A 101 4.89 -12.35 16.45
C VAL A 101 5.99 -11.84 15.53
N GLU A 102 7.03 -12.68 15.31
CA GLU A 102 8.16 -12.39 14.42
C GLU A 102 7.62 -12.07 13.03
N GLY A 103 6.68 -12.90 12.55
CA GLY A 103 6.05 -12.73 11.24
C GLY A 103 5.31 -11.41 11.11
N MET A 104 4.52 -11.06 12.15
CA MET A 104 3.73 -9.84 12.21
C MET A 104 4.61 -8.59 12.14
N ILE A 105 5.63 -8.53 13.02
CA ILE A 105 6.59 -7.43 13.07
C ILE A 105 7.29 -7.26 11.73
N LYS A 106 7.72 -8.37 11.11
CA LYS A 106 8.31 -8.39 9.76
C LYS A 106 7.38 -7.71 8.73
N LEU A 107 6.08 -8.12 8.67
CA LEU A 107 5.16 -7.52 7.70
C LEU A 107 4.90 -6.05 7.98
N ALA A 108 4.74 -5.69 9.26
CA ALA A 108 4.45 -4.33 9.67
C ALA A 108 5.64 -3.40 9.44
N LEU A 109 6.84 -3.81 9.89
CA LEU A 109 8.05 -2.99 9.72
C LEU A 109 8.42 -2.75 8.27
N SER A 110 8.30 -3.78 7.42
CA SER A 110 8.63 -3.69 5.98
C SER A 110 7.67 -2.73 5.30
N THR A 111 6.38 -2.85 5.60
CA THR A 111 5.36 -1.92 5.09
C THR A 111 5.70 -0.49 5.51
N ALA A 112 6.05 -0.29 6.80
CA ALA A 112 6.34 1.05 7.34
C ALA A 112 7.64 1.62 6.76
N SER A 113 8.60 0.73 6.46
CA SER A 113 9.90 1.08 5.86
C SER A 113 9.68 1.51 4.41
N GLY A 114 8.84 0.77 3.69
CA GLY A 114 8.45 1.10 2.32
C GLY A 114 7.68 2.42 2.28
N LEU A 115 6.75 2.62 3.24
CA LEU A 115 5.99 3.87 3.21
C LEU A 115 6.88 5.05 3.58
N ALA A 116 7.83 4.80 4.51
CA ALA A 116 8.76 5.84 4.97
C ALA A 116 9.64 6.26 3.81
N HIS A 117 10.07 5.31 2.97
CA HIS A 117 10.85 5.65 1.78
C HIS A 117 10.00 6.47 0.80
N LEU A 118 8.76 6.01 0.53
CA LEU A 118 7.87 6.70 -0.40
C LEU A 118 7.71 8.13 0.04
N HIS A 119 7.40 8.36 1.32
CA HIS A 119 7.14 9.67 1.92
C HIS A 119 8.36 10.60 2.03
N MET A 120 9.55 10.00 2.09
CA MET A 120 10.82 10.69 2.30
C MET A 120 11.28 11.47 1.07
N GLU A 121 11.50 12.78 1.22
CA GLU A 121 12.09 13.54 0.13
C GLU A 121 13.62 13.41 0.27
N ILE A 122 14.31 13.09 -0.85
CA ILE A 122 15.78 13.03 -0.89
C ILE A 122 16.24 14.18 -1.78
N VAL A 123 16.97 15.13 -1.20
CA VAL A 123 17.40 16.31 -1.92
C VAL A 123 18.71 15.99 -2.64
N GLY A 124 18.90 16.54 -3.84
CA GLY A 124 20.11 16.35 -4.62
C GLY A 124 19.88 16.40 -6.11
N THR A 125 20.94 16.15 -6.89
CA THR A 125 20.81 16.13 -8.34
C THR A 125 20.02 14.89 -8.75
N GLN A 126 20.23 13.79 -8.00
CA GLN A 126 19.49 12.54 -8.14
C GLN A 126 18.48 12.49 -6.97
N GLY A 127 17.80 13.61 -6.79
CA GLY A 127 16.82 13.78 -5.75
C GLY A 127 15.53 13.03 -5.97
N LYS A 128 14.97 12.50 -4.88
CA LYS A 128 13.70 11.82 -4.95
C LYS A 128 12.62 12.68 -4.29
N PRO A 129 11.51 12.94 -4.98
CA PRO A 129 10.43 13.72 -4.37
C PRO A 129 9.67 12.83 -3.39
N ALA A 130 9.09 13.46 -2.39
CA ALA A 130 8.20 12.79 -1.49
C ALA A 130 6.99 12.35 -2.34
N ILE A 131 6.51 11.15 -2.07
CA ILE A 131 5.41 10.53 -2.78
C ILE A 131 4.38 10.02 -1.77
N ALA A 132 3.05 10.26 -2.06
CA ALA A 132 1.94 9.75 -1.28
C ALA A 132 1.20 8.71 -2.10
N HIS A 133 0.95 7.56 -1.50
CA HIS A 133 0.32 6.40 -2.16
C HIS A 133 -1.10 6.70 -2.62
N ARG A 134 -1.94 7.19 -1.72
CA ARG A 134 -3.37 7.51 -1.93
C ARG A 134 -4.29 6.30 -2.03
N ASP A 135 -3.75 5.07 -2.17
CA ASP A 135 -4.60 3.90 -2.22
C ASP A 135 -3.93 2.74 -1.45
N LEU A 136 -3.43 3.04 -0.28
CA LEU A 136 -2.78 2.00 0.54
C LEU A 136 -3.83 1.10 1.20
N LYS A 137 -3.68 -0.21 1.01
CA LYS A 137 -4.56 -1.26 1.53
C LYS A 137 -3.79 -2.60 1.48
N SER A 138 -4.32 -3.64 2.12
CA SER A 138 -3.68 -4.99 2.13
C SER A 138 -3.65 -5.65 0.72
N LYS A 139 -4.59 -5.28 -0.16
CA LYS A 139 -4.61 -5.78 -1.55
C LYS A 139 -3.53 -5.11 -2.42
N ASN A 140 -2.96 -3.97 -1.99
CA ASN A 140 -1.92 -3.24 -2.72
C ASN A 140 -0.52 -3.39 -2.14
N ILE A 141 -0.36 -4.30 -1.18
CA ILE A 141 0.92 -4.60 -0.57
C ILE A 141 1.21 -6.07 -0.90
N LEU A 142 2.40 -6.37 -1.40
CA LEU A 142 2.78 -7.74 -1.72
C LEU A 142 3.69 -8.27 -0.64
N VAL A 143 3.78 -9.57 -0.54
CA VAL A 143 4.58 -10.28 0.43
C VAL A 143 5.64 -11.05 -0.37
N LYS A 144 6.90 -10.81 -0.01
CA LYS A 144 8.07 -11.46 -0.59
C LYS A 144 8.27 -12.79 0.07
N LYS A 145 9.12 -13.59 -0.55
CA LYS A 145 9.51 -14.91 -0.10
C LYS A 145 10.08 -14.88 1.32
N ASN A 146 10.87 -13.85 1.68
CA ASN A 146 11.47 -13.76 3.02
C ASN A 146 10.49 -13.34 4.14
N GLY A 147 9.21 -13.14 3.80
CA GLY A 147 8.22 -12.77 4.80
C GLY A 147 8.10 -11.26 5.01
N THR A 148 8.67 -10.48 4.08
CA THR A 148 8.57 -9.04 4.19
C THR A 148 7.68 -8.51 3.07
N CYS A 149 7.17 -7.30 3.27
CA CYS A 149 6.30 -6.66 2.31
C CYS A 149 6.99 -5.72 1.34
N CYS A 150 6.26 -5.38 0.30
CA CYS A 150 6.62 -4.30 -0.58
C CYS A 150 5.34 -3.64 -1.06
N ILE A 151 5.37 -2.34 -1.15
CA ILE A 151 4.20 -1.57 -1.57
C ILE A 151 4.13 -1.59 -3.08
N ALA A 152 2.93 -1.89 -3.58
CA ALA A 152 2.66 -2.04 -4.99
C ALA A 152 1.49 -1.16 -5.29
N ASP A 153 1.05 -1.15 -6.55
CA ASP A 153 -0.07 -0.36 -7.06
C ASP A 153 0.10 1.14 -6.76
N LEU A 154 1.21 1.69 -7.25
CA LEU A 154 1.58 3.09 -7.09
C LEU A 154 0.97 3.99 -8.19
N GLY A 155 0.02 3.49 -8.95
CA GLY A 155 -0.57 4.23 -10.07
C GLY A 155 -1.32 5.50 -9.68
N LEU A 156 -1.88 5.53 -8.45
CA LEU A 156 -2.67 6.67 -7.96
C LEU A 156 -1.83 7.66 -7.15
N ALA A 157 -0.49 7.42 -7.08
CA ALA A 157 0.41 8.27 -6.30
C ALA A 157 0.46 9.76 -6.72
N VAL A 158 0.83 10.62 -5.79
CA VAL A 158 1.05 12.04 -6.08
C VAL A 158 2.46 12.37 -5.62
N ARG A 159 3.14 13.30 -6.31
CA ARG A 159 4.52 13.64 -5.98
C ARG A 159 4.61 15.08 -5.64
N HIS A 160 5.43 15.38 -4.64
CA HIS A 160 5.61 16.71 -4.09
C HIS A 160 6.78 17.46 -4.68
N ASP A 161 6.58 18.73 -5.04
CA ASP A 161 7.68 19.61 -5.45
C ASP A 161 7.86 20.47 -4.19
N SER A 162 8.82 20.10 -3.32
CA SER A 162 9.02 20.77 -2.03
C SER A 162 9.37 22.26 -2.09
N ALA A 163 10.00 22.74 -3.17
CA ALA A 163 10.37 24.16 -3.28
C ALA A 163 9.16 25.10 -3.34
N THR A 164 8.11 24.69 -4.09
CA THR A 164 6.89 25.50 -4.26
C THR A 164 5.73 25.01 -3.38
N ASP A 165 5.86 23.80 -2.79
CA ASP A 165 4.84 23.12 -1.97
C ASP A 165 3.59 22.86 -2.85
N THR A 166 3.83 22.29 -4.05
CA THR A 166 2.80 21.93 -5.06
C THR A 166 2.88 20.43 -5.41
N ILE A 167 1.73 19.84 -5.68
CA ILE A 167 1.62 18.42 -6.02
C ILE A 167 1.60 18.32 -7.54
N ASP A 168 2.45 17.43 -8.11
CA ASP A 168 2.63 17.23 -9.56
C ASP A 168 1.33 17.11 -10.36
N ILE A 169 0.33 16.38 -9.87
CA ILE A 169 -0.90 16.27 -10.66
C ILE A 169 -2.07 17.08 -10.07
N ALA A 170 -1.79 17.98 -9.09
CA ALA A 170 -2.75 18.87 -8.45
C ALA A 170 -4.14 18.20 -8.35
N PRO A 171 -4.27 17.18 -7.47
CA PRO A 171 -5.55 16.45 -7.37
C PRO A 171 -6.72 17.34 -6.96
N ASN A 172 -7.86 17.11 -7.62
CA ASN A 172 -9.08 17.87 -7.36
C ASN A 172 -10.24 16.96 -6.91
N HIS A 173 -10.05 15.63 -7.03
N HIS A 173 -10.06 15.63 -7.02
CA HIS A 173 -11.05 14.65 -6.64
CA HIS A 173 -11.07 14.68 -6.60
C HIS A 173 -10.50 13.57 -5.71
C HIS A 173 -10.51 13.58 -5.72
N ARG A 174 -11.39 12.91 -4.98
CA ARG A 174 -11.10 11.84 -4.06
C ARG A 174 -10.82 10.59 -4.87
N VAL A 175 -9.80 9.85 -4.46
CA VAL A 175 -9.42 8.64 -5.14
C VAL A 175 -9.18 7.63 -4.05
N GLY A 176 -9.06 6.38 -4.46
CA GLY A 176 -8.73 5.27 -3.61
C GLY A 176 -9.90 4.42 -3.18
N THR A 177 -9.58 3.42 -2.38
CA THR A 177 -10.52 2.45 -1.85
C THR A 177 -11.28 3.11 -0.70
N LYS A 178 -12.60 3.14 -0.78
CA LYS A 178 -13.45 3.82 0.21
C LYS A 178 -13.20 3.37 1.64
N ARG A 179 -13.04 2.04 1.83
CA ARG A 179 -12.87 1.44 3.13
C ARG A 179 -11.69 2.07 3.88
N TYR A 180 -10.62 2.35 3.15
CA TYR A 180 -9.38 2.83 3.74
C TYR A 180 -9.19 4.33 3.73
N MET A 181 -10.22 5.05 3.32
CA MET A 181 -10.15 6.48 3.25
C MET A 181 -10.08 7.14 4.59
N ALA A 182 -9.12 8.07 4.72
CA ALA A 182 -8.94 8.79 5.96
C ALA A 182 -10.22 9.59 6.27
N PRO A 183 -10.46 9.85 7.56
CA PRO A 183 -11.65 10.63 7.92
C PRO A 183 -11.79 11.93 7.10
N GLU A 184 -10.70 12.70 7.02
CA GLU A 184 -10.66 13.97 6.27
C GLU A 184 -10.88 13.76 4.76
N VAL A 185 -10.61 12.56 4.24
CA VAL A 185 -10.87 12.27 2.82
C VAL A 185 -12.39 11.99 2.64
N LEU A 186 -12.99 11.19 3.54
CA LEU A 186 -14.41 10.82 3.51
C LEU A 186 -15.34 12.03 3.61
N ASP A 187 -15.02 12.96 4.49
CA ASP A 187 -15.82 14.15 4.72
C ASP A 187 -15.39 15.37 3.91
N ASP A 188 -14.39 15.19 3.01
CA ASP A 188 -13.84 16.19 2.10
C ASP A 188 -13.29 17.46 2.77
N SER A 189 -12.77 17.34 3.98
CA SER A 189 -12.17 18.47 4.68
C SER A 189 -10.70 18.59 4.34
N ILE A 190 -10.11 17.50 3.80
CA ILE A 190 -8.69 17.46 3.44
C ILE A 190 -8.34 18.62 2.49
N ASN A 191 -7.14 19.21 2.68
CA ASN A 191 -6.66 20.29 1.85
C ASN A 191 -5.88 19.61 0.73
N MET A 192 -6.45 19.52 -0.45
CA MET A 192 -5.79 18.81 -1.56
C MET A 192 -4.57 19.58 -2.12
N LYS A 193 -4.29 20.83 -1.62
CA LYS A 193 -3.11 21.61 -2.00
C LYS A 193 -2.02 21.40 -0.92
N HIS A 194 -2.32 20.61 0.12
CA HIS A 194 -1.41 20.33 1.22
C HIS A 194 -0.85 18.92 1.12
N PHE A 195 0.39 18.80 0.65
CA PHE A 195 0.99 17.49 0.46
C PHE A 195 1.06 16.66 1.75
N GLU A 196 1.42 17.30 2.89
CA GLU A 196 1.50 16.61 4.18
C GLU A 196 0.14 15.93 4.52
N SER A 197 -1.01 16.53 4.09
CA SER A 197 -2.32 15.90 4.28
C SER A 197 -2.39 14.49 3.63
N PHE A 198 -1.85 14.34 2.41
CA PHE A 198 -1.82 13.06 1.70
C PHE A 198 -1.00 12.01 2.42
N LYS A 199 0.17 12.39 2.93
CA LYS A 199 1.04 11.48 3.71
C LYS A 199 0.29 11.03 4.99
N ARG A 200 -0.38 11.98 5.66
CA ARG A 200 -1.16 11.66 6.86
C ARG A 200 -2.32 10.66 6.63
N ALA A 201 -2.97 10.78 5.46
CA ALA A 201 -4.04 9.93 4.99
C ALA A 201 -3.50 8.54 4.70
N ASP A 202 -2.28 8.46 4.15
CA ASP A 202 -1.60 7.16 3.96
C ASP A 202 -1.36 6.43 5.33
N ILE A 203 -0.95 7.21 6.37
CA ILE A 203 -0.68 6.71 7.71
C ILE A 203 -1.95 6.08 8.33
N TYR A 204 -3.08 6.77 8.22
CA TYR A 204 -4.37 6.25 8.65
C TYR A 204 -4.62 4.85 8.01
N ALA A 205 -4.45 4.75 6.69
CA ALA A 205 -4.60 3.54 5.89
C ALA A 205 -3.60 2.46 6.36
N MET A 206 -2.35 2.88 6.66
CA MET A 206 -1.39 1.90 7.18
C MET A 206 -1.85 1.35 8.53
N GLY A 207 -2.41 2.21 9.37
CA GLY A 207 -2.93 1.78 10.66
C GLY A 207 -4.01 0.71 10.45
N LEU A 208 -4.86 0.87 9.42
CA LEU A 208 -5.86 -0.14 9.12
C LEU A 208 -5.17 -1.45 8.70
N VAL A 209 -4.15 -1.36 7.86
CA VAL A 209 -3.40 -2.52 7.41
C VAL A 209 -2.78 -3.27 8.60
N PHE A 210 -2.15 -2.55 9.52
CA PHE A 210 -1.55 -3.14 10.73
C PHE A 210 -2.59 -3.95 11.52
N TRP A 211 -3.81 -3.40 11.64
CA TRP A 211 -4.90 -4.06 12.35
C TRP A 211 -5.18 -5.42 11.73
N GLU A 212 -5.25 -5.49 10.38
CA GLU A 212 -5.50 -6.71 9.62
C GLU A 212 -4.43 -7.73 9.89
N ILE A 213 -3.16 -7.28 10.00
CA ILE A 213 -2.05 -8.19 10.25
C ILE A 213 -2.10 -8.74 11.67
N ALA A 214 -2.27 -7.84 12.62
CA ALA A 214 -2.28 -8.13 14.06
C ALA A 214 -3.35 -9.16 14.43
N ARG A 215 -4.50 -9.15 13.72
CA ARG A 215 -5.59 -10.11 13.96
C ARG A 215 -5.11 -11.54 13.65
N ARG A 216 -4.26 -11.64 12.62
CA ARG A 216 -3.74 -12.91 12.16
C ARG A 216 -2.49 -13.34 12.90
N CYS A 217 -2.08 -12.58 13.93
CA CYS A 217 -0.92 -13.00 14.71
C CYS A 217 -1.36 -14.04 15.75
N SER A 218 -0.71 -15.21 15.68
CA SER A 218 -1.01 -16.37 16.52
C SER A 218 0.00 -16.50 17.68
N ILE A 219 -0.51 -16.34 18.91
CA ILE A 219 0.21 -16.47 20.19
C ILE A 219 -0.59 -17.44 21.01
N GLY A 220 -0.02 -18.61 21.27
CA GLY A 220 -0.69 -19.68 22.02
C GLY A 220 -1.92 -20.17 21.29
N GLY A 221 -1.78 -20.29 19.95
CA GLY A 221 -2.84 -20.71 19.04
C GLY A 221 -4.08 -19.83 19.04
N ILE A 222 -3.94 -18.59 19.55
CA ILE A 222 -5.02 -17.62 19.67
C ILE A 222 -4.79 -16.54 18.65
N HIS A 223 -5.83 -16.29 17.83
CA HIS A 223 -5.84 -15.30 16.78
C HIS A 223 -7.28 -15.08 16.30
N GLU A 224 -7.49 -14.03 15.53
CA GLU A 224 -8.83 -13.78 15.00
C GLU A 224 -8.87 -14.25 13.55
N ASP A 225 -10.07 -14.41 13.01
CA ASP A 225 -10.23 -14.82 11.63
C ASP A 225 -9.91 -13.61 10.74
N TYR A 226 -9.43 -13.85 9.51
CA TYR A 226 -9.15 -12.69 8.68
C TYR A 226 -10.41 -11.83 8.46
N GLN A 227 -10.27 -10.49 8.61
CA GLN A 227 -11.38 -9.57 8.31
C GLN A 227 -10.82 -8.27 7.78
N LEU A 228 -11.56 -7.62 6.88
CA LEU A 228 -11.21 -6.29 6.40
C LEU A 228 -11.54 -5.30 7.47
N PRO A 229 -10.80 -4.16 7.55
CA PRO A 229 -11.17 -3.14 8.54
C PRO A 229 -12.62 -2.70 8.34
N TYR A 230 -13.37 -2.56 9.44
CA TYR A 230 -14.79 -2.15 9.39
C TYR A 230 -15.77 -3.21 8.90
N TYR A 231 -15.37 -4.52 8.77
CA TYR A 231 -16.21 -5.65 8.37
C TYR A 231 -17.49 -5.74 9.23
N ASP A 232 -17.38 -5.24 10.46
CA ASP A 232 -18.39 -5.27 11.52
C ASP A 232 -19.30 -4.03 11.47
N LEU A 233 -19.05 -3.11 10.52
CA LEU A 233 -19.82 -1.86 10.43
C LEU A 233 -20.32 -1.43 9.07
N VAL A 234 -19.64 -1.87 7.97
CA VAL A 234 -20.04 -1.49 6.62
C VAL A 234 -20.19 -2.75 5.74
N PRO A 235 -21.02 -2.72 4.67
CA PRO A 235 -21.09 -3.89 3.76
C PRO A 235 -19.86 -3.97 2.86
N SER A 236 -19.74 -5.06 2.08
CA SER A 236 -18.68 -5.22 1.08
C SER A 236 -18.82 -4.09 0.06
N ASP A 237 -17.68 -3.63 -0.51
CA ASP A 237 -17.64 -2.49 -1.45
C ASP A 237 -18.46 -1.32 -0.88
N PRO A 238 -18.06 -0.79 0.30
CA PRO A 238 -18.86 0.28 0.93
C PRO A 238 -18.83 1.59 0.15
N SER A 239 -19.84 2.42 0.35
CA SER A 239 -19.89 3.71 -0.30
C SER A 239 -19.18 4.75 0.59
N VAL A 240 -18.87 5.95 0.02
CA VAL A 240 -18.24 7.04 0.80
C VAL A 240 -19.16 7.39 1.96
N GLU A 241 -20.48 7.39 1.70
CA GLU A 241 -21.49 7.70 2.69
C GLU A 241 -21.51 6.69 3.83
N GLU A 242 -21.51 5.38 3.49
CA GLU A 242 -21.48 4.32 4.49
C GLU A 242 -20.25 4.51 5.35
N MET A 243 -19.08 4.75 4.73
CA MET A 243 -17.81 5.00 5.45
C MET A 243 -17.84 6.29 6.33
N ARG A 244 -18.25 7.44 5.77
CA ARG A 244 -18.31 8.70 6.51
C ARG A 244 -19.20 8.55 7.76
N LYS A 245 -20.39 7.92 7.62
CA LYS A 245 -21.31 7.66 8.72
C LYS A 245 -20.59 6.99 9.88
N VAL A 246 -19.76 5.98 9.62
CA VAL A 246 -19.07 5.23 10.66
C VAL A 246 -17.77 5.92 11.16
N VAL A 247 -16.89 6.32 10.23
CA VAL A 247 -15.56 6.80 10.58
C VAL A 247 -15.57 8.26 11.09
N CYS A 248 -16.42 9.09 10.48
CA CYS A 248 -16.51 10.53 10.78
C CYS A 248 -17.59 10.91 11.78
N GLU A 249 -18.78 10.32 11.65
CA GLU A 249 -19.94 10.70 12.48
C GLU A 249 -19.99 9.94 13.77
N GLN A 250 -19.99 8.60 13.66
CA GLN A 250 -19.96 7.76 14.84
C GLN A 250 -18.56 7.70 15.40
N LYS A 251 -17.56 8.08 14.57
CA LYS A 251 -16.16 8.14 14.96
C LYS A 251 -15.62 6.82 15.52
N LEU A 252 -16.06 5.69 14.94
CA LEU A 252 -15.58 4.35 15.29
C LEU A 252 -14.41 3.99 14.40
N ARG A 253 -13.58 3.08 14.90
CA ARG A 253 -12.39 2.52 14.28
C ARG A 253 -12.44 1.01 14.43
N PRO A 254 -11.58 0.26 13.76
CA PRO A 254 -11.54 -1.19 14.01
C PRO A 254 -11.29 -1.44 15.52
N ASN A 255 -11.95 -2.47 16.07
CA ASN A 255 -11.84 -2.79 17.51
C ASN A 255 -10.49 -3.38 17.82
N ILE A 256 -9.89 -2.93 18.93
CA ILE A 256 -8.62 -3.49 19.40
C ILE A 256 -8.97 -4.51 20.51
N PRO A 257 -8.97 -5.84 20.28
CA PRO A 257 -9.31 -6.76 21.37
C PRO A 257 -8.36 -6.54 22.55
N ASN A 258 -8.93 -6.43 23.77
CA ASN A 258 -8.18 -6.15 24.99
C ASN A 258 -6.95 -7.06 25.17
N ARG A 259 -7.04 -8.35 24.77
CA ARG A 259 -5.97 -9.34 24.84
C ARG A 259 -4.70 -8.99 24.03
N TRP A 260 -4.73 -7.90 23.24
CA TRP A 260 -3.56 -7.42 22.51
C TRP A 260 -2.66 -6.66 23.51
N GLN A 261 -3.23 -6.31 24.70
CA GLN A 261 -2.51 -5.69 25.81
C GLN A 261 -1.65 -6.72 26.53
N SER A 262 -2.00 -8.03 26.39
CA SER A 262 -1.30 -9.15 27.01
C SER A 262 0.13 -9.35 26.46
N CYS A 263 0.29 -9.12 25.14
CA CYS A 263 1.57 -9.30 24.44
C CYS A 263 2.26 -7.96 24.19
N GLU A 264 3.58 -7.88 24.43
CA GLU A 264 4.40 -6.67 24.21
C GLU A 264 4.30 -6.21 22.75
N ALA A 265 4.51 -7.14 21.82
CA ALA A 265 4.44 -6.87 20.38
C ALA A 265 3.08 -6.38 19.94
N LEU A 266 1.98 -7.03 20.39
CA LEU A 266 0.64 -6.58 20.04
C LEU A 266 0.28 -5.27 20.74
N ARG A 267 0.88 -4.99 21.93
CA ARG A 267 0.68 -3.71 22.64
C ARG A 267 1.26 -2.57 21.79
N VAL A 268 2.51 -2.75 21.32
CA VAL A 268 3.23 -1.78 20.47
C VAL A 268 2.40 -1.53 19.18
N MET A 269 1.97 -2.64 18.51
CA MET A 269 1.16 -2.58 17.29
C MET A 269 -0.16 -1.84 17.58
N ALA A 270 -0.84 -2.19 18.71
CA ALA A 270 -2.09 -1.50 19.07
C ALA A 270 -1.92 0.01 19.33
N LYS A 271 -0.79 0.43 19.94
CA LYS A 271 -0.57 1.86 20.21
C LYS A 271 -0.37 2.57 18.87
N ILE A 272 0.38 1.92 17.95
CA ILE A 272 0.64 2.45 16.62
C ILE A 272 -0.68 2.67 15.88
N MET A 273 -1.55 1.62 15.83
CA MET A 273 -2.87 1.66 15.20
C MET A 273 -3.63 2.86 15.71
N ARG A 274 -3.78 2.96 17.05
CA ARG A 274 -4.46 4.07 17.67
C ARG A 274 -3.85 5.42 17.28
N GLU A 275 -2.51 5.49 17.14
CA GLU A 275 -1.85 6.75 16.79
C GLU A 275 -1.83 7.02 15.28
N CYS A 276 -2.42 6.11 14.48
CA CYS A 276 -2.61 6.24 13.02
C CYS A 276 -4.04 6.72 12.75
N TRP A 277 -4.95 6.38 13.68
CA TRP A 277 -6.39 6.53 13.55
C TRP A 277 -6.97 7.84 14.04
N TYR A 278 -6.14 8.71 14.70
CA TYR A 278 -6.60 10.00 15.16
C TYR A 278 -7.35 10.69 14.04
N ALA A 279 -8.54 11.17 14.35
CA ALA A 279 -9.37 11.88 13.41
C ALA A 279 -8.57 13.08 12.79
N ASN A 280 -7.70 13.77 13.60
CA ASN A 280 -6.83 14.87 13.14
C ASN A 280 -5.53 14.32 12.55
N GLY A 281 -5.37 14.44 11.23
CA GLY A 281 -4.16 14.01 10.53
C GLY A 281 -2.85 14.44 11.15
N ALA A 282 -2.78 15.67 11.74
CA ALA A 282 -1.54 16.21 12.37
C ALA A 282 -1.01 15.42 13.60
N ALA A 283 -1.91 14.81 14.38
CA ALA A 283 -1.57 14.03 15.57
C ALA A 283 -1.01 12.63 15.21
N ARG A 284 -1.28 12.16 13.97
CA ARG A 284 -0.83 10.84 13.56
C ARG A 284 0.67 10.70 13.51
N LEU A 285 1.16 9.49 13.78
CA LEU A 285 2.58 9.16 13.71
C LEU A 285 3.02 9.34 12.26
N THR A 286 4.33 9.53 12.04
CA THR A 286 4.86 9.58 10.69
C THR A 286 5.32 8.15 10.41
N ALA A 287 5.46 7.82 9.15
CA ALA A 287 5.89 6.48 8.76
C ALA A 287 7.31 6.22 9.31
N LEU A 288 8.18 7.25 9.32
CA LEU A 288 9.56 7.10 9.79
C LEU A 288 9.54 6.81 11.30
N ARG A 289 8.64 7.48 12.06
CA ARG A 289 8.54 7.21 13.50
C ARG A 289 8.05 5.77 13.75
N ILE A 290 7.11 5.26 12.92
CA ILE A 290 6.59 3.88 13.01
C ILE A 290 7.72 2.90 12.72
N LYS A 291 8.51 3.22 11.68
CA LYS A 291 9.67 2.44 11.28
C LYS A 291 10.63 2.38 12.47
N LYS A 292 10.88 3.53 13.12
CA LYS A 292 11.79 3.59 14.27
C LYS A 292 11.29 2.67 15.37
N THR A 293 10.01 2.83 15.79
CA THR A 293 9.36 2.01 16.82
C THR A 293 9.46 0.49 16.52
N LEU A 294 9.03 0.06 15.32
CA LEU A 294 9.04 -1.36 14.98
C LEU A 294 10.41 -1.93 14.82
N SER A 295 11.38 -1.13 14.29
CA SER A 295 12.78 -1.56 14.19
C SER A 295 13.34 -1.89 15.59
N GLN A 296 13.01 -1.03 16.58
CA GLN A 296 13.38 -1.11 17.99
C GLN A 296 12.70 -2.31 18.66
N LEU A 297 11.53 -2.70 18.14
CA LEU A 297 10.75 -3.83 18.63
C LEU A 297 11.31 -5.12 18.03
N SER A 298 11.65 -5.10 16.73
CA SER A 298 12.18 -6.26 16.01
C SER A 298 13.51 -6.72 16.59
N GLN A 299 14.50 -5.80 16.71
CA GLN A 299 15.86 -6.09 17.25
C GLN A 299 15.82 -6.85 18.58
N GLN A 300 14.88 -6.51 19.47
CA GLN A 300 14.68 -7.12 20.78
C GLN A 300 14.18 -8.56 20.64
N GLU A 301 13.18 -8.78 19.75
CA GLU A 301 12.56 -10.07 19.47
C GLU A 301 13.54 -11.05 18.81
N GLY A 302 14.55 -10.51 18.13
CA GLY A 302 15.63 -11.27 17.51
C GLY A 302 15.39 -11.70 16.08
N ILE A 303 14.65 -10.90 15.30
CA ILE A 303 14.31 -11.20 13.91
C ILE A 303 15.55 -11.09 13.01
#